data_1EB1
#
_entry.id   1EB1
#
_cell.length_a   69.839
_cell.length_b   71.508
_cell.length_c   71.710
_cell.angle_alpha   90.00
_cell.angle_beta   99.34
_cell.angle_gamma   90.00
#
_symmetry.space_group_name_H-M   'C 1 2 1'
#
loop_
_entity.id
_entity.type
_entity.pdbx_description
1 polymer 'PEPTIDE INHIBITOR'
2 polymer 'THROMBIN HEAVY CHAIN'
3 polymer 'THROMBIN LIGHT CHAIN'
4 polymer 3-CYCLOHEXYL-D-ALANYL-L-PROLYL-N~2~-METHYL-L-ARGININE
5 water water
#
loop_
_entity_poly.entity_id
_entity_poly.type
_entity_poly.pdbx_seq_one_letter_code
_entity_poly.pdbx_strand_id
1 'polypeptide(L)' DYEPIPEEAF A
2 'polypeptide(L)'
;IVEGSDAEIGMSPWQVMLFRKSPQELLCGASLISDRWVLTAAHCLLYPPWDKNFTENDLLVRIGKHSRTRYERNIEKISM
LEKIYIHPRYNWRENLDRDIALMKLKKPVAFSDYIHPVCLPDRETAASLLQAGYKGRVTGWGNLKETWTANVGKGQPSVL
QVVNLPIVERPVCKDSTRIRITDNMFCAGYKPDEGKRGDACEGDSGGPFVMKSPFNNRWYQMGIVSWGEGCDRDGKYGFY
THVFRLKKWIQKVIDQF
;
H
3 'polypeptide(L)' ADCGLRPLFEKKSLEDKTERELLESYI L
4 'polypeptide(L)' (ZAL)P(MMO) B
#
# COMPACT_ATOMS: atom_id res chain seq x y z
N ASP A 1 -8.62 -7.04 18.75
CA ASP A 1 -7.88 -6.23 19.76
C ASP A 1 -7.80 -4.77 19.38
N TYR A 2 -8.88 -4.26 18.76
CA TYR A 2 -8.94 -2.88 18.33
C TYR A 2 -9.78 -1.99 19.24
N GLU A 3 -9.19 -0.90 19.71
CA GLU A 3 -9.90 0.04 20.56
C GLU A 3 -11.06 0.59 19.73
N PRO A 4 -12.26 0.65 20.30
CA PRO A 4 -13.42 1.16 19.58
C PRO A 4 -13.36 2.61 19.10
N ILE A 5 -13.85 2.83 17.90
CA ILE A 5 -13.88 4.16 17.32
C ILE A 5 -15.10 4.90 17.87
N PRO A 6 -14.89 5.83 18.80
CA PRO A 6 -15.98 6.60 19.41
C PRO A 6 -16.85 7.33 18.40
N GLU A 7 -18.17 7.35 18.63
CA GLU A 7 -19.07 8.07 17.74
C GLU A 7 -18.50 9.48 17.67
N GLU A 8 -19.16 10.37 16.95
CA GLU A 8 -18.65 11.72 16.78
C GLU A 8 -17.59 11.54 15.70
N ALA A 9 -16.62 10.66 15.96
CA ALA A 9 -15.55 10.38 15.01
C ALA A 9 -16.11 9.91 13.67
N PHE A 10 -17.14 9.08 13.71
CA PHE A 10 -17.76 8.59 12.47
C PHE A 10 -18.37 9.79 11.76
N ILE B 1 3.98 -6.56 7.50
CA ILE B 1 5.36 -6.45 6.94
C ILE B 1 6.32 -7.35 7.71
N VAL B 2 7.06 -8.17 7.00
CA VAL B 2 8.04 -9.06 7.62
C VAL B 2 9.42 -8.45 7.48
N GLU B 3 10.18 -8.45 8.57
CA GLU B 3 11.53 -7.92 8.58
C GLU B 3 11.63 -6.45 8.25
N GLY B 4 10.64 -5.66 8.68
CA GLY B 4 10.70 -4.23 8.46
C GLY B 4 11.03 -3.54 9.78
N SER B 5 10.70 -2.26 9.89
CA SER B 5 10.96 -1.55 11.15
C SER B 5 9.81 -0.60 11.41
N ASP B 6 9.75 -0.04 12.62
CA ASP B 6 8.69 0.90 12.94
C ASP B 6 8.84 2.12 12.06
N ALA B 7 7.71 2.60 11.55
CA ALA B 7 7.72 3.80 10.73
C ALA B 7 7.94 5.01 11.66
N GLU B 8 8.53 6.08 11.11
CA GLU B 8 8.67 7.32 11.87
C GLU B 8 7.33 8.04 11.77
N ILE B 9 7.05 8.96 12.68
CA ILE B 9 5.82 9.73 12.67
C ILE B 9 5.71 10.57 11.38
N GLY B 10 4.58 10.49 10.69
CA GLY B 10 4.40 11.28 9.48
C GLY B 10 5.24 10.80 8.30
N MET B 11 5.81 9.60 8.41
CA MET B 11 6.65 9.07 7.34
C MET B 11 5.91 8.65 6.08
N SER B 12 4.66 8.22 6.24
CA SER B 12 3.80 7.76 5.14
C SER B 12 2.43 8.37 5.36
N PRO B 13 2.33 9.69 5.25
CA PRO B 13 1.06 10.40 5.46
C PRO B 13 -0.11 10.07 4.54
N TRP B 14 0.17 9.33 3.46
CA TRP B 14 -0.85 8.91 2.53
C TRP B 14 -1.35 7.51 2.91
N GLN B 15 -0.77 6.92 3.95
CA GLN B 15 -1.19 5.57 4.34
C GLN B 15 -2.63 5.60 4.81
N VAL B 16 -3.41 4.63 4.35
CA VAL B 16 -4.80 4.52 4.74
C VAL B 16 -5.07 3.09 5.22
N MET B 17 -5.93 2.97 6.23
CA MET B 17 -6.30 1.65 6.74
C MET B 17 -7.75 1.37 6.31
N LEU B 18 -7.98 0.20 5.70
CA LEU B 18 -9.32 -0.18 5.28
C LEU B 18 -9.78 -1.04 6.46
N PHE B 19 -10.85 -0.58 7.10
CA PHE B 19 -11.36 -1.17 8.33
C PHE B 19 -12.81 -1.70 8.19
N ARG B 20 -13.03 -2.95 8.55
CA ARG B 20 -14.36 -3.53 8.49
C ARG B 20 -15.08 -3.01 9.74
N LYS B 21 -16.27 -2.44 9.54
CA LYS B 21 -17.06 -1.91 10.65
C LYS B 21 -17.38 -2.97 11.70
N SER B 22 -17.97 -4.08 11.27
CA SER B 22 -18.33 -5.16 12.20
C SER B 22 -18.21 -6.56 11.60
N PRO B 23 -17.38 -7.42 12.22
CA PRO B 23 -16.57 -7.14 13.40
C PRO B 23 -15.41 -6.20 13.05
N GLN B 24 -15.06 -5.30 13.97
CA GLN B 24 -13.96 -4.37 13.70
C GLN B 24 -12.66 -5.12 13.43
N GLU B 25 -12.13 -4.96 12.22
CA GLU B 25 -10.87 -5.61 11.88
C GLU B 25 -10.17 -4.93 10.71
N LEU B 26 -8.86 -5.10 10.66
CA LEU B 26 -8.04 -4.54 9.58
C LEU B 26 -8.23 -5.44 8.38
N LEU B 27 -8.69 -4.87 7.27
CA LEU B 27 -8.89 -5.64 6.05
C LEU B 27 -7.70 -5.49 5.10
N CYS B 28 -7.26 -4.24 4.94
CA CYS B 28 -6.21 -3.99 3.97
C CYS B 28 -5.63 -2.60 4.19
N GLY B 29 -4.59 -2.30 3.41
CA GLY B 29 -3.99 -0.98 3.43
C GLY B 29 -4.62 -0.31 2.21
N ALA B 30 -4.31 0.97 2.02
CA ALA B 30 -4.84 1.76 0.93
C ALA B 30 -3.98 3.01 0.93
N SER B 31 -4.20 3.92 -0.01
CA SER B 31 -3.41 5.13 -0.06
C SER B 31 -4.30 6.30 -0.45
N LEU B 32 -3.93 7.48 0.07
CA LEU B 32 -4.66 8.71 -0.18
C LEU B 32 -4.05 9.41 -1.41
N ILE B 33 -4.83 9.60 -2.47
CA ILE B 33 -4.31 10.26 -3.66
C ILE B 33 -4.89 11.66 -3.92
N SER B 34 -5.88 12.06 -3.11
CA SER B 34 -6.47 13.41 -3.16
C SER B 34 -7.38 13.52 -1.93
N ASP B 35 -8.01 14.66 -1.67
CA ASP B 35 -8.84 14.72 -0.47
C ASP B 35 -10.10 13.87 -0.51
N ARG B 36 -10.46 13.38 -1.69
CA ARG B 36 -11.65 12.53 -1.77
C ARG B 36 -11.49 11.18 -2.46
N TRP B 37 -10.26 10.81 -2.80
CA TRP B 37 -10.01 9.53 -3.49
C TRP B 37 -8.95 8.70 -2.81
N VAL B 38 -9.28 7.43 -2.58
CA VAL B 38 -8.38 6.49 -1.95
C VAL B 38 -8.19 5.34 -2.93
N LEU B 39 -6.95 4.91 -3.06
CA LEU B 39 -6.55 3.83 -3.97
C LEU B 39 -6.24 2.57 -3.21
N THR B 40 -6.71 1.43 -3.73
CA THR B 40 -6.41 0.18 -3.07
C THR B 40 -6.39 -0.97 -4.09
N ALA B 41 -6.28 -2.19 -3.60
CA ALA B 41 -6.30 -3.38 -4.45
C ALA B 41 -7.74 -3.86 -4.61
N ALA B 42 -8.11 -4.23 -5.84
CA ALA B 42 -9.47 -4.71 -6.07
C ALA B 42 -9.80 -5.91 -5.18
N HIS B 43 -8.82 -6.79 -4.91
CA HIS B 43 -9.10 -7.98 -4.12
C HIS B 43 -9.42 -7.70 -2.65
N CYS B 44 -9.16 -6.46 -2.21
CA CYS B 44 -9.48 -6.05 -0.85
C CYS B 44 -10.97 -5.85 -0.72
N LEU B 45 -11.62 -5.58 -1.86
CA LEU B 45 -13.05 -5.34 -1.90
C LEU B 45 -13.85 -6.46 -2.57
N LEU B 46 -13.26 -7.13 -3.55
CA LEU B 46 -13.95 -8.19 -4.26
C LEU B 46 -13.06 -9.39 -4.48
N TYR B 47 -13.43 -10.53 -3.89
CA TYR B 47 -12.69 -11.77 -4.10
C TYR B 47 -13.66 -12.95 -3.88
N PRO B 48 -14.46 -13.25 -4.90
CA PRO B 48 -15.44 -14.34 -4.85
C PRO B 48 -14.93 -15.66 -4.29
N PRO B 49 -13.67 -16.05 -4.57
CA PRO B 49 -13.23 -17.33 -4.03
C PRO B 49 -13.37 -17.43 -2.52
N TRP B 50 -13.27 -16.30 -1.83
CA TRP B 50 -13.37 -16.25 -0.36
C TRP B 50 -14.68 -15.61 0.10
N ASP B 51 -15.66 -15.55 -0.81
CA ASP B 51 -16.97 -14.96 -0.52
C ASP B 51 -16.87 -13.50 -0.10
N LYS B 52 -15.92 -12.78 -0.68
CA LYS B 52 -15.73 -11.37 -0.37
C LYS B 52 -16.25 -10.48 -1.47
N ASN B 53 -17.18 -9.62 -1.09
CA ASN B 53 -17.75 -8.65 -2.01
C ASN B 53 -18.31 -7.56 -1.14
N PHE B 54 -17.43 -6.67 -0.69
CA PHE B 54 -17.86 -5.59 0.16
C PHE B 54 -18.65 -4.50 -0.55
N THR B 55 -19.53 -3.88 0.22
CA THR B 55 -20.34 -2.80 -0.27
C THR B 55 -19.88 -1.60 0.57
N GLU B 56 -20.02 -0.40 0.03
CA GLU B 56 -19.62 0.84 0.70
C GLU B 56 -19.84 0.90 2.22
N ASN B 57 -21.06 0.60 2.64
CA ASN B 57 -21.42 0.66 4.05
C ASN B 57 -20.79 -0.41 4.93
N ASP B 58 -20.11 -1.40 4.35
CA ASP B 58 -19.48 -2.42 5.18
C ASP B 58 -18.16 -1.89 5.71
N LEU B 59 -17.68 -0.81 5.08
CA LEU B 59 -16.36 -0.28 5.40
C LEU B 59 -16.23 1.16 5.87
N LEU B 60 -15.04 1.43 6.44
CA LEU B 60 -14.62 2.73 6.94
C LEU B 60 -13.11 2.81 6.61
N VAL B 61 -12.61 4.02 6.36
CA VAL B 61 -11.16 4.12 6.18
C VAL B 61 -10.66 5.06 7.26
N ARG B 62 -9.50 4.72 7.83
CA ARG B 62 -8.90 5.52 8.87
C ARG B 62 -7.60 6.05 8.26
N ILE B 63 -7.48 7.38 8.29
CA ILE B 63 -6.37 8.09 7.70
C ILE B 63 -5.58 8.86 8.78
N GLY B 64 -4.26 8.94 8.61
CA GLY B 64 -3.41 9.65 9.57
C GLY B 64 -2.91 8.78 10.72
N LYS B 65 -3.09 7.46 10.59
CA LYS B 65 -2.69 6.56 11.65
C LYS B 65 -1.24 6.12 11.72
N HIS B 66 -0.86 5.73 12.92
CA HIS B 66 0.46 5.20 13.22
C HIS B 66 0.21 3.91 14.01
N SER B 67 -0.42 4.06 15.17
CA SER B 67 -0.76 2.90 16.00
C SER B 67 -1.75 2.03 15.24
N ARG B 68 -1.57 0.71 15.29
CA ARG B 68 -2.49 -0.20 14.62
C ARG B 68 -3.84 -0.28 15.34
N THR B 69 -3.82 -0.63 16.62
CA THR B 69 -5.05 -0.84 17.37
C THR B 69 -5.71 0.34 18.06
N ARG B 70 -4.91 1.35 18.42
CA ARG B 70 -5.48 2.48 19.14
C ARG B 70 -6.26 3.50 18.34
N TYR B 71 -7.24 4.14 18.97
CA TYR B 71 -7.98 5.19 18.30
C TYR B 71 -7.08 6.40 18.61
N GLU B 72 -6.53 7.01 17.56
CA GLU B 72 -5.59 8.13 17.72
C GLU B 72 -6.26 9.50 17.68
N ARG B 73 -6.79 9.85 18.85
CA ARG B 73 -7.52 11.09 19.09
C ARG B 73 -6.68 12.32 18.69
N ASN B 74 -7.36 13.25 18.02
CA ASN B 74 -6.77 14.51 17.54
C ASN B 74 -5.82 14.28 16.38
N ILE B 75 -5.63 13.01 15.98
CA ILE B 75 -4.70 12.71 14.89
C ILE B 75 -5.34 12.02 13.69
N GLU B 76 -5.89 10.82 13.90
CA GLU B 76 -6.50 10.12 12.77
C GLU B 76 -7.87 10.68 12.48
N LYS B 77 -8.31 10.52 11.23
CA LYS B 77 -9.61 10.96 10.77
C LYS B 77 -10.29 9.75 10.13
N ILE B 78 -11.62 9.67 10.31
CA ILE B 78 -12.41 8.59 9.74
C ILE B 78 -13.17 9.14 8.54
N SER B 79 -13.16 8.39 7.44
CA SER B 79 -13.88 8.78 6.25
C SER B 79 -14.76 7.61 5.83
N MET B 80 -15.89 7.96 5.24
CA MET B 80 -16.86 6.98 4.80
C MET B 80 -16.81 6.88 3.29
N LEU B 81 -17.22 5.73 2.77
CA LEU B 81 -17.19 5.49 1.34
C LEU B 81 -18.47 5.89 0.64
N GLU B 82 -18.34 6.76 -0.37
CA GLU B 82 -19.48 7.16 -1.19
C GLU B 82 -19.65 6.11 -2.27
N LYS B 83 -18.55 5.75 -2.92
CA LYS B 83 -18.60 4.74 -3.97
C LYS B 83 -17.28 4.00 -4.21
N ILE B 84 -17.42 2.71 -4.47
CA ILE B 84 -16.29 1.81 -4.77
C ILE B 84 -16.31 1.61 -6.28
N TYR B 85 -15.14 1.68 -6.90
CA TYR B 85 -14.97 1.46 -8.34
C TYR B 85 -13.87 0.43 -8.51
N ILE B 86 -14.22 -0.72 -9.11
CA ILE B 86 -13.25 -1.78 -9.33
C ILE B 86 -12.88 -1.83 -10.82
N HIS B 87 -11.62 -2.10 -11.15
CA HIS B 87 -11.24 -2.13 -12.55
C HIS B 87 -12.17 -3.14 -13.24
N PRO B 88 -12.77 -2.77 -14.38
CA PRO B 88 -13.68 -3.68 -15.10
C PRO B 88 -13.03 -4.98 -15.59
N ARG B 89 -11.71 -4.98 -15.75
CA ARG B 89 -11.04 -6.20 -16.19
C ARG B 89 -10.15 -6.81 -15.12
N TYR B 90 -10.49 -6.53 -13.85
CA TYR B 90 -9.80 -7.10 -12.71
C TYR B 90 -10.03 -8.62 -12.85
N ASN B 91 -8.95 -9.40 -12.88
CA ASN B 91 -9.07 -10.87 -13.07
C ASN B 91 -8.93 -11.63 -11.73
N TRP B 92 -10.03 -11.78 -10.99
CA TRP B 92 -9.97 -12.51 -9.73
C TRP B 92 -10.05 -14.01 -9.96
N ARG B 93 -10.36 -14.43 -11.18
CA ARG B 93 -10.49 -15.88 -11.42
C ARG B 93 -9.16 -16.58 -11.56
N GLU B 94 -8.20 -15.87 -12.15
CA GLU B 94 -6.90 -16.46 -12.42
C GLU B 94 -5.65 -16.02 -11.66
N ASN B 95 -5.24 -14.77 -11.86
CA ASN B 95 -3.98 -14.31 -11.29
C ASN B 95 -4.00 -12.90 -10.70
N LEU B 96 -5.19 -12.37 -10.42
CA LEU B 96 -5.30 -11.02 -9.86
C LEU B 96 -4.77 -9.94 -10.84
N ASP B 97 -4.86 -10.19 -12.14
CA ASP B 97 -4.43 -9.19 -13.13
C ASP B 97 -5.28 -7.93 -12.95
N ARG B 98 -4.64 -6.75 -13.03
CA ARG B 98 -5.29 -5.44 -12.85
C ARG B 98 -5.97 -5.35 -11.50
N ASP B 99 -5.20 -5.65 -10.46
CA ASP B 99 -5.70 -5.65 -9.09
C ASP B 99 -5.71 -4.21 -8.54
N ILE B 100 -6.73 -3.46 -8.95
CA ILE B 100 -6.81 -2.06 -8.56
C ILE B 100 -8.25 -1.63 -8.38
N ALA B 101 -8.49 -0.74 -7.43
CA ALA B 101 -9.80 -0.20 -7.15
C ALA B 101 -9.66 1.20 -6.55
N LEU B 102 -10.67 2.04 -6.77
CA LEU B 102 -10.69 3.38 -6.22
C LEU B 102 -11.92 3.46 -5.31
N MET B 103 -11.82 4.29 -4.28
CA MET B 103 -12.91 4.49 -3.34
C MET B 103 -13.05 6.01 -3.23
N LYS B 104 -14.23 6.53 -3.53
CA LYS B 104 -14.43 7.96 -3.40
C LYS B 104 -15.01 8.20 -2.01
N LEU B 105 -14.48 9.21 -1.31
CA LEU B 105 -14.96 9.50 0.03
C LEU B 105 -16.21 10.36 0.02
N LYS B 106 -17.06 10.21 1.03
CA LYS B 106 -18.28 11.03 1.09
C LYS B 106 -17.95 12.51 1.28
N LYS B 107 -16.93 12.79 2.08
CA LYS B 107 -16.49 14.17 2.32
C LYS B 107 -14.96 14.22 2.24
N PRO B 108 -14.39 15.37 1.88
CA PRO B 108 -12.93 15.45 1.79
C PRO B 108 -12.35 15.31 3.19
N VAL B 109 -11.20 14.63 3.27
CA VAL B 109 -10.54 14.44 4.55
C VAL B 109 -9.64 15.68 4.69
N ALA B 110 -9.44 16.13 5.93
CA ALA B 110 -8.60 17.30 6.16
C ALA B 110 -7.11 16.93 6.24
N PHE B 111 -6.29 17.59 5.42
CA PHE B 111 -4.85 17.33 5.40
C PHE B 111 -4.28 17.92 6.66
N SER B 112 -3.18 17.35 7.13
CA SER B 112 -2.51 17.79 8.34
C SER B 112 -1.07 17.27 8.28
N ASP B 113 -0.34 17.40 9.37
CA ASP B 113 1.04 16.90 9.43
C ASP B 113 1.08 15.39 9.18
N TYR B 114 -0.02 14.71 9.51
CA TYR B 114 -0.12 13.24 9.40
C TYR B 114 -0.95 12.69 8.24
N ILE B 115 -1.59 13.57 7.49
CA ILE B 115 -2.46 13.24 6.35
C ILE B 115 -2.09 14.10 5.16
N HIS B 116 -1.67 13.46 4.07
CA HIS B 116 -1.21 14.18 2.87
C HIS B 116 -1.19 13.16 1.73
N PRO B 117 -1.60 13.56 0.51
CA PRO B 117 -1.62 12.62 -0.62
C PRO B 117 -0.28 12.31 -1.28
N VAL B 118 -0.19 11.10 -1.84
CA VAL B 118 1.01 10.68 -2.55
C VAL B 118 0.74 11.00 -4.02
N CYS B 119 1.78 11.13 -4.84
CA CYS B 119 1.56 11.42 -6.24
C CYS B 119 1.43 10.12 -7.04
N LEU B 120 0.78 10.21 -8.19
CA LEU B 120 0.69 9.06 -9.10
C LEU B 120 1.72 9.39 -10.18
N PRO B 121 2.50 8.39 -10.63
CA PRO B 121 3.53 8.61 -11.64
C PRO B 121 3.08 8.99 -13.04
N ASP B 122 3.91 9.82 -13.70
CA ASP B 122 3.65 10.20 -15.08
C ASP B 122 4.44 9.13 -15.83
N ARG B 123 4.28 9.07 -17.14
CA ARG B 123 4.98 8.05 -17.91
C ARG B 123 6.50 8.07 -17.78
N GLU B 124 7.07 9.27 -17.72
CA GLU B 124 8.51 9.41 -17.65
C GLU B 124 9.10 9.00 -16.31
N THR B 125 8.43 9.39 -15.24
CA THR B 125 8.92 9.03 -13.93
C THR B 125 8.86 7.50 -13.81
N ALA B 126 7.78 6.90 -14.27
CA ALA B 126 7.67 5.44 -14.18
C ALA B 126 8.75 4.76 -15.01
N ALA B 127 8.97 5.22 -16.23
CA ALA B 127 9.98 4.58 -17.06
C ALA B 127 11.36 4.68 -16.42
N SER B 128 11.65 5.83 -15.83
CA SER B 128 12.94 6.02 -15.22
C SER B 128 13.19 5.22 -13.94
N LEU B 129 12.18 5.09 -13.09
CA LEU B 129 12.37 4.42 -11.81
C LEU B 129 11.98 2.95 -11.69
N LEU B 130 11.08 2.50 -12.54
CA LEU B 130 10.66 1.10 -12.49
C LEU B 130 11.64 0.22 -13.20
N GLN B 131 12.77 -0.02 -12.55
CA GLN B 131 13.86 -0.82 -13.09
C GLN B 131 14.38 -1.76 -12.04
N ALA B 132 14.81 -2.95 -12.47
CA ALA B 132 15.36 -3.94 -11.57
C ALA B 132 16.52 -3.32 -10.78
N GLY B 133 16.55 -3.56 -9.47
CA GLY B 133 17.59 -3.01 -8.59
C GLY B 133 17.17 -1.75 -7.84
N TYR B 134 16.30 -0.94 -8.46
CA TYR B 134 15.83 0.30 -7.82
C TYR B 134 14.88 -0.08 -6.71
N LYS B 135 15.01 0.57 -5.57
CA LYS B 135 14.18 0.22 -4.43
C LYS B 135 13.00 1.11 -4.23
N GLY B 136 11.94 0.49 -3.76
CA GLY B 136 10.71 1.19 -3.45
C GLY B 136 10.46 0.90 -1.97
N ARG B 137 9.40 1.49 -1.44
CA ARG B 137 9.07 1.32 -0.02
C ARG B 137 7.66 0.82 0.18
N VAL B 138 7.54 -0.18 1.06
CA VAL B 138 6.25 -0.76 1.39
C VAL B 138 5.93 -0.50 2.86
N THR B 139 4.70 -0.11 3.14
CA THR B 139 4.28 0.18 4.50
C THR B 139 2.96 -0.51 4.80
N GLY B 140 2.74 -0.90 6.06
CA GLY B 140 1.48 -1.54 6.41
C GLY B 140 1.41 -2.05 7.84
N TRP B 141 0.22 -2.45 8.26
CA TRP B 141 0.00 -2.98 9.61
C TRP B 141 -0.23 -4.49 9.58
N GLY B 142 0.20 -5.13 8.49
CA GLY B 142 0.02 -6.56 8.33
C GLY B 142 0.92 -7.32 9.26
N ASN B 143 0.79 -8.65 9.23
CA ASN B 143 1.54 -9.52 10.09
C ASN B 143 3.04 -9.43 9.90
N LEU B 144 3.74 -9.67 11.00
CA LEU B 144 5.19 -9.58 11.02
C LEU B 144 5.82 -10.90 10.61
N LYS B 145 5.02 -11.96 10.54
CA LYS B 145 5.51 -13.29 10.19
C LYS B 145 4.49 -14.10 9.41
N GLU B 146 4.98 -15.00 8.57
CA GLU B 146 4.09 -15.87 7.82
C GLU B 146 3.34 -16.77 8.80
N THR B 147 4.09 -17.40 9.70
CA THR B 147 3.52 -18.32 10.71
C THR B 147 2.49 -17.64 11.60
N TRP B 148 1.24 -18.09 11.49
CA TRP B 148 0.13 -17.52 12.28
C TRP B 148 0.52 -17.14 13.70
N THR B 149 0.62 -15.84 13.95
CA THR B 149 0.97 -15.34 15.27
C THR B 149 0.28 -14.01 15.56
N ALA B 150 0.08 -13.73 16.85
CA ALA B 150 -0.57 -12.49 17.26
C ALA B 150 0.27 -11.78 18.33
N ASN B 151 -0.39 -10.95 19.13
CA ASN B 151 0.30 -10.21 20.18
C ASN B 151 0.59 -11.12 21.36
N VAL B 152 1.52 -12.05 21.14
CA VAL B 152 1.92 -13.01 22.17
C VAL B 152 3.13 -13.80 21.66
N GLY B 153 3.26 -13.85 20.35
CA GLY B 153 4.37 -14.57 19.74
C GLY B 153 4.84 -13.87 18.48
N LYS B 154 5.09 -12.56 18.60
CA LYS B 154 5.55 -11.74 17.47
C LYS B 154 4.68 -12.01 16.24
N GLY B 155 3.43 -11.55 16.31
CA GLY B 155 2.51 -11.76 15.22
C GLY B 155 2.10 -10.49 14.50
N GLN B 156 1.52 -9.55 15.23
CA GLN B 156 1.09 -8.29 14.63
C GLN B 156 1.85 -7.12 15.25
N PRO B 157 2.02 -6.03 14.49
CA PRO B 157 2.75 -4.86 15.01
C PRO B 157 1.93 -3.90 15.86
N SER B 158 2.62 -3.17 16.72
CA SER B 158 1.98 -2.16 17.55
C SER B 158 1.75 -0.92 16.68
N VAL B 159 2.69 -0.65 15.79
CA VAL B 159 2.61 0.51 14.92
C VAL B 159 2.97 0.20 13.46
N LEU B 160 2.68 1.18 12.59
CA LEU B 160 2.95 1.05 11.17
C LEU B 160 4.37 0.58 10.91
N GLN B 161 4.51 -0.40 10.01
CA GLN B 161 5.81 -0.96 9.66
C GLN B 161 6.21 -0.50 8.26
N VAL B 162 7.51 -0.44 8.02
CA VAL B 162 8.07 0.02 6.75
C VAL B 162 9.24 -0.85 6.34
N VAL B 163 9.36 -1.12 5.04
CA VAL B 163 10.50 -1.88 4.54
C VAL B 163 10.78 -1.41 3.10
N ASN B 164 12.07 -1.28 2.77
CA ASN B 164 12.52 -0.87 1.44
C ASN B 164 12.92 -2.12 0.73
N LEU B 165 12.45 -2.29 -0.51
CA LEU B 165 12.72 -3.51 -1.27
C LEU B 165 13.05 -3.21 -2.73
N PRO B 166 13.99 -3.97 -3.30
CA PRO B 166 14.35 -3.74 -4.70
C PRO B 166 13.40 -4.39 -5.70
N ILE B 167 13.16 -3.69 -6.80
CA ILE B 167 12.33 -4.24 -7.89
C ILE B 167 13.19 -5.37 -8.47
N VAL B 168 12.54 -6.46 -8.88
CA VAL B 168 13.24 -7.64 -9.41
C VAL B 168 13.06 -7.78 -10.94
N GLU B 169 14.08 -8.29 -11.63
CA GLU B 169 14.05 -8.49 -13.08
C GLU B 169 12.84 -9.37 -13.41
N ARG B 170 12.08 -9.02 -14.45
CA ARG B 170 10.88 -9.76 -14.79
C ARG B 170 11.03 -11.28 -14.99
N PRO B 171 12.15 -11.73 -15.58
CA PRO B 171 12.31 -13.18 -15.77
C PRO B 171 12.45 -13.88 -14.42
N VAL B 172 13.08 -13.21 -13.45
CA VAL B 172 13.26 -13.79 -12.13
C VAL B 172 11.89 -13.83 -11.43
N CYS B 173 11.05 -12.80 -11.61
CA CYS B 173 9.70 -12.81 -11.04
C CYS B 173 8.90 -13.99 -11.61
N LYS B 174 8.99 -14.15 -12.93
CA LYS B 174 8.27 -15.21 -13.64
C LYS B 174 8.71 -16.61 -13.19
N ASP B 175 10.03 -16.78 -13.05
CA ASP B 175 10.61 -18.07 -12.68
C ASP B 175 10.45 -18.45 -11.24
N SER B 176 9.87 -17.57 -10.41
CA SER B 176 9.71 -17.86 -8.99
C SER B 176 8.33 -18.41 -8.67
N THR B 177 7.47 -18.49 -9.66
CA THR B 177 6.10 -18.88 -9.39
C THR B 177 5.48 -19.61 -10.56
N ARG B 178 4.37 -20.30 -10.29
CA ARG B 178 3.66 -21.03 -11.32
C ARG B 178 2.49 -20.15 -11.82
N ILE B 179 2.23 -19.04 -11.13
CA ILE B 179 1.16 -18.13 -11.54
C ILE B 179 1.58 -17.37 -12.81
N ARG B 180 0.66 -17.15 -13.75
CA ARG B 180 0.97 -16.40 -14.96
C ARG B 180 1.10 -14.90 -14.63
N ILE B 181 2.28 -14.35 -14.82
CA ILE B 181 2.56 -12.95 -14.52
C ILE B 181 2.22 -12.08 -15.73
N THR B 182 1.69 -10.88 -15.51
CA THR B 182 1.35 -10.02 -16.63
C THR B 182 2.10 -8.70 -16.54
N ASP B 183 2.01 -7.90 -17.60
CA ASP B 183 2.65 -6.60 -17.64
C ASP B 183 2.02 -5.64 -16.61
N ASN B 184 0.86 -6.00 -16.07
CA ASN B 184 0.22 -5.13 -15.07
C ASN B 184 0.70 -5.41 -13.67
N MET B 185 1.76 -6.22 -13.56
CA MET B 185 2.36 -6.59 -12.28
C MET B 185 3.89 -6.45 -12.31
N PHE B 186 4.52 -6.23 -11.17
CA PHE B 186 5.98 -6.27 -11.09
C PHE B 186 6.24 -6.92 -9.75
N CYS B 187 7.44 -7.45 -9.52
CA CYS B 187 7.68 -8.05 -8.21
C CYS B 187 8.90 -7.37 -7.58
N ALA B 188 9.00 -7.48 -6.26
CA ALA B 188 10.09 -6.85 -5.52
C ALA B 188 10.51 -7.70 -4.32
N GLY B 189 11.75 -7.54 -3.91
CA GLY B 189 12.23 -8.29 -2.78
C GLY B 189 13.65 -8.69 -3.03
N TYR B 190 14.29 -9.16 -1.98
CA TYR B 190 15.67 -9.57 -2.04
C TYR B 190 15.74 -11.04 -2.44
N LYS B 191 16.84 -11.39 -3.10
CA LYS B 191 17.08 -12.77 -3.54
C LYS B 191 17.75 -13.47 -2.38
N PRO B 192 17.82 -14.81 -2.43
CA PRO B 192 18.46 -15.56 -1.34
C PRO B 192 19.93 -15.19 -1.13
N ASP B 193 20.63 -14.90 -2.22
CA ASP B 193 22.05 -14.56 -2.12
C ASP B 193 22.32 -13.21 -1.46
N GLU B 194 21.43 -12.25 -1.70
CA GLU B 194 21.58 -10.88 -1.19
C GLU B 194 21.60 -10.68 0.33
N GLY B 195 21.18 -11.69 1.09
CA GLY B 195 21.20 -11.57 2.55
C GLY B 195 20.04 -10.83 3.23
N LYS B 196 19.84 -9.56 2.88
CA LYS B 196 18.76 -8.76 3.47
C LYS B 196 17.43 -9.43 3.16
N ARG B 197 16.42 -9.20 3.99
CA ARG B 197 15.10 -9.81 3.76
C ARG B 197 13.98 -8.76 3.81
N GLY B 198 12.74 -9.22 3.79
CA GLY B 198 11.62 -8.30 3.86
C GLY B 198 10.54 -8.63 2.85
N ASP B 199 9.30 -8.39 3.23
CA ASP B 199 8.17 -8.67 2.35
C ASP B 199 6.94 -8.10 3.03
N ALA B 200 5.86 -8.00 2.26
CA ALA B 200 4.59 -7.59 2.80
C ALA B 200 4.01 -8.92 3.28
N CYS B 201 2.95 -8.86 4.06
CA CYS B 201 2.33 -10.08 4.56
C CYS B 201 0.87 -9.77 4.87
N GLU B 202 0.11 -10.78 5.29
CA GLU B 202 -1.33 -10.65 5.55
C GLU B 202 -1.75 -9.34 6.22
N GLY B 203 -2.62 -8.56 5.57
CA GLY B 203 -3.07 -7.29 6.11
C GLY B 203 -2.42 -6.06 5.49
N ASP B 204 -1.31 -6.28 4.77
CA ASP B 204 -0.58 -5.18 4.08
C ASP B 204 -1.15 -4.91 2.68
N SER B 205 -1.79 -5.92 2.08
CA SER B 205 -2.29 -5.76 0.73
C SER B 205 -3.22 -4.57 0.56
N GLY B 206 -3.16 -3.96 -0.63
CA GLY B 206 -3.95 -2.79 -0.94
C GLY B 206 -3.12 -1.54 -0.63
N GLY B 207 -2.10 -1.73 0.20
CA GLY B 207 -1.20 -0.64 0.59
C GLY B 207 -0.29 -0.19 -0.54
N PRO B 208 0.46 0.90 -0.32
CA PRO B 208 1.35 1.41 -1.37
C PRO B 208 2.82 0.95 -1.43
N PHE B 209 3.34 0.86 -2.66
CA PHE B 209 4.76 0.59 -2.89
C PHE B 209 5.19 1.96 -3.46
N VAL B 210 5.98 2.73 -2.71
CA VAL B 210 6.31 4.07 -3.20
C VAL B 210 7.78 4.26 -3.48
N MET B 211 8.10 5.27 -4.29
CA MET B 211 9.48 5.59 -4.65
C MET B 211 9.65 7.10 -4.57
N LYS B 212 10.81 7.57 -4.11
CA LYS B 212 11.00 9.02 -4.05
C LYS B 212 11.79 9.46 -5.27
N SER B 213 11.16 10.30 -6.11
CA SER B 213 11.83 10.70 -7.32
C SER B 213 13.06 11.53 -7.02
N PRO B 214 14.21 11.17 -7.62
CA PRO B 214 15.47 11.90 -7.41
C PRO B 214 15.46 13.16 -8.30
N PHE B 215 14.48 13.24 -9.21
CA PHE B 215 14.36 14.40 -10.08
C PHE B 215 13.62 15.56 -9.41
N ASN B 216 12.54 15.27 -8.69
CA ASN B 216 11.82 16.38 -8.06
C ASN B 216 11.55 16.21 -6.55
N ASN B 217 12.15 15.17 -5.97
CA ASN B 217 12.02 14.88 -4.54
C ASN B 217 10.64 14.63 -4.00
N ARG B 218 9.74 14.15 -4.86
CA ARG B 218 8.37 13.85 -4.46
C ARG B 218 8.17 12.35 -4.44
N TRP B 219 7.32 11.89 -3.52
CA TRP B 219 7.00 10.47 -3.44
C TRP B 219 5.91 10.12 -4.44
N TYR B 220 6.15 9.03 -5.18
CA TYR B 220 5.24 8.50 -6.18
C TYR B 220 4.85 7.09 -5.84
N GLN B 221 3.57 6.78 -6.02
CA GLN B 221 3.11 5.42 -5.76
C GLN B 221 3.21 4.63 -7.07
N MET B 222 4.19 3.74 -7.14
CA MET B 222 4.43 2.96 -8.34
C MET B 222 3.67 1.64 -8.30
N GLY B 223 3.33 1.16 -7.10
CA GLY B 223 2.62 -0.12 -7.05
C GLY B 223 1.65 -0.25 -5.89
N ILE B 224 0.82 -1.29 -5.96
CA ILE B 224 -0.13 -1.57 -4.89
C ILE B 224 0.19 -3.00 -4.45
N VAL B 225 0.29 -3.22 -3.15
CA VAL B 225 0.57 -4.54 -2.62
C VAL B 225 -0.56 -5.43 -3.12
N SER B 226 -0.22 -6.41 -3.96
CA SER B 226 -1.23 -7.28 -4.59
C SER B 226 -1.29 -8.72 -4.11
N TRP B 227 -0.20 -9.48 -4.25
CA TRP B 227 -0.18 -10.86 -3.81
C TRP B 227 1.20 -11.45 -3.59
N GLY B 228 1.22 -12.64 -3.02
CA GLY B 228 2.49 -13.31 -2.78
C GLY B 228 2.17 -14.74 -2.40
N GLU B 229 3.19 -15.54 -2.16
CA GLU B 229 2.99 -16.93 -1.75
C GLU B 229 3.83 -17.08 -0.48
N GLY B 230 3.14 -17.17 0.65
CA GLY B 230 3.82 -17.23 1.93
C GLY B 230 4.21 -15.77 2.19
N CYS B 231 5.16 -15.56 3.09
CA CYS B 231 5.64 -14.21 3.37
C CYS B 231 7.13 -14.35 3.65
N ASP B 232 7.91 -13.52 2.96
CA ASP B 232 9.36 -13.49 3.11
C ASP B 232 10.07 -14.85 2.99
N ARG B 233 9.57 -15.70 2.09
CA ARG B 233 10.20 -17.00 1.84
C ARG B 233 11.35 -16.82 0.86
N ASP B 234 12.44 -17.57 1.04
CA ASP B 234 13.56 -17.47 0.12
C ASP B 234 13.08 -17.88 -1.27
N GLY B 235 13.53 -17.17 -2.30
CA GLY B 235 13.13 -17.52 -3.67
C GLY B 235 11.77 -17.03 -4.12
N LYS B 236 11.02 -16.41 -3.21
CA LYS B 236 9.70 -15.88 -3.55
C LYS B 236 9.77 -14.36 -3.49
N TYR B 237 8.85 -13.70 -4.19
CA TYR B 237 8.84 -12.24 -4.22
C TYR B 237 7.41 -11.74 -4.08
N GLY B 238 7.28 -10.52 -3.57
CA GLY B 238 5.96 -9.97 -3.41
C GLY B 238 5.62 -9.40 -4.76
N PHE B 239 4.33 -9.46 -5.10
CA PHE B 239 3.85 -8.94 -6.37
C PHE B 239 3.01 -7.72 -6.13
N TYR B 240 3.14 -6.76 -7.04
CA TYR B 240 2.47 -5.47 -6.95
C TYR B 240 1.78 -5.06 -8.23
N THR B 241 0.64 -4.39 -8.08
CA THR B 241 -0.06 -3.85 -9.22
C THR B 241 0.76 -2.70 -9.80
N HIS B 242 0.94 -2.72 -11.12
CA HIS B 242 1.70 -1.67 -11.83
C HIS B 242 0.79 -0.46 -11.98
N VAL B 243 0.87 0.51 -11.06
CA VAL B 243 -0.04 1.66 -11.11
C VAL B 243 0.02 2.48 -12.41
N PHE B 244 1.21 2.77 -12.93
CA PHE B 244 1.24 3.54 -14.15
C PHE B 244 0.49 2.87 -15.31
N ARG B 245 0.64 1.55 -15.45
CA ARG B 245 -0.03 0.81 -16.52
C ARG B 245 -1.56 0.91 -16.49
N LEU B 246 -2.12 1.17 -15.30
CA LEU B 246 -3.56 1.25 -15.12
C LEU B 246 -4.05 2.69 -14.91
N LYS B 247 -3.15 3.65 -15.07
CA LYS B 247 -3.50 5.05 -14.85
C LYS B 247 -4.59 5.59 -15.76
N LYS B 248 -4.67 5.08 -16.99
CA LYS B 248 -5.71 5.54 -17.90
C LYS B 248 -7.08 5.25 -17.26
N TRP B 249 -7.22 4.08 -16.66
CA TRP B 249 -8.47 3.74 -16.00
C TRP B 249 -8.66 4.68 -14.80
N ILE B 250 -7.60 4.88 -14.01
CA ILE B 250 -7.69 5.76 -12.86
C ILE B 250 -8.21 7.14 -13.26
N GLN B 251 -7.59 7.72 -14.28
CA GLN B 251 -7.95 9.05 -14.78
C GLN B 251 -9.37 9.09 -15.31
N LYS B 252 -9.76 8.04 -16.01
CA LYS B 252 -11.12 7.95 -16.53
C LYS B 252 -12.14 8.02 -15.39
N VAL B 253 -11.90 7.25 -14.33
CA VAL B 253 -12.82 7.21 -13.17
C VAL B 253 -12.91 8.57 -12.47
N ILE B 254 -11.76 9.16 -12.21
CA ILE B 254 -11.74 10.43 -11.52
C ILE B 254 -12.38 11.54 -12.37
N ASP B 255 -12.05 11.58 -13.66
CA ASP B 255 -12.63 12.60 -14.53
C ASP B 255 -14.15 12.47 -14.61
N GLN B 256 -14.62 11.24 -14.74
CA GLN B 256 -16.04 10.94 -14.85
C GLN B 256 -16.84 11.15 -13.56
N PHE B 257 -16.26 10.71 -12.44
CA PHE B 257 -16.94 10.81 -11.15
C PHE B 257 -16.29 11.80 -10.17
N ALA C 1 -0.91 19.05 -6.57
CA ALA C 1 0.25 19.96 -6.88
C ALA C 1 1.27 19.91 -5.74
N ASP C 2 0.76 19.60 -4.55
CA ASP C 2 1.61 19.50 -3.40
C ASP C 2 1.78 18.01 -3.06
N CYS C 3 1.33 17.14 -3.96
CA CYS C 3 1.41 15.71 -3.70
C CYS C 3 2.84 15.20 -3.46
N GLY C 4 2.96 14.17 -2.61
CA GLY C 4 4.23 13.54 -2.36
C GLY C 4 5.28 14.29 -1.58
N LEU C 5 4.90 15.44 -1.03
CA LEU C 5 5.79 16.27 -0.22
C LEU C 5 5.23 16.17 1.20
N ARG C 6 5.97 15.49 2.06
CA ARG C 6 5.49 15.27 3.41
C ARG C 6 5.66 16.46 4.35
N PRO C 7 4.60 16.81 5.08
CA PRO C 7 4.68 17.95 6.01
C PRO C 7 5.86 17.83 7.00
N LEU C 8 6.10 16.63 7.51
CA LEU C 8 7.15 16.45 8.49
C LEU C 8 8.51 16.08 7.96
N PHE C 9 8.62 15.99 6.63
CA PHE C 9 9.91 15.68 6.03
C PHE C 9 10.25 16.63 4.89
N GLU C 10 9.85 16.35 3.66
CA GLU C 10 10.18 17.27 2.55
C GLU C 10 9.82 18.73 2.82
N LYS C 11 8.65 18.96 3.43
CA LYS C 11 8.19 20.32 3.68
C LYS C 11 9.11 21.11 4.59
N LYS C 12 9.81 20.43 5.48
CA LYS C 12 10.72 21.12 6.37
C LYS C 12 12.18 20.72 6.15
N SER C 13 12.43 20.11 4.99
CA SER C 13 13.75 19.65 4.60
C SER C 13 14.42 18.73 5.61
N LEU C 14 13.63 17.78 6.13
CA LEU C 14 14.16 16.75 7.05
C LEU C 14 14.08 15.44 6.27
N GLU C 15 15.06 14.57 6.44
CA GLU C 15 15.07 13.28 5.74
C GLU C 15 14.69 12.23 6.74
N ASP C 16 13.98 11.19 6.29
CA ASP C 16 13.64 10.12 7.21
C ASP C 16 14.87 9.21 7.26
N LYS C 17 14.89 8.25 8.19
CA LYS C 17 16.07 7.41 8.39
C LYS C 17 16.52 6.44 7.32
N THR C 18 15.68 6.13 6.35
CA THR C 18 16.12 5.19 5.33
C THR C 18 15.84 5.62 3.90
N GLU C 19 15.40 6.86 3.69
CA GLU C 19 15.15 7.24 2.31
C GLU C 19 16.42 7.28 1.47
N ARG C 20 17.57 7.49 2.12
CA ARG C 20 18.82 7.53 1.37
C ARG C 20 19.08 6.18 0.69
N GLU C 21 18.63 5.09 1.32
CA GLU C 21 18.78 3.75 0.76
C GLU C 21 18.11 3.67 -0.62
N LEU C 22 16.98 4.36 -0.78
CA LEU C 22 16.30 4.37 -2.06
C LEU C 22 17.09 5.16 -3.08
N LEU C 23 17.51 6.36 -2.69
CA LEU C 23 18.27 7.22 -3.59
C LEU C 23 19.53 6.50 -4.08
N GLU C 24 20.21 5.83 -3.17
CA GLU C 24 21.45 5.12 -3.54
C GLU C 24 21.23 4.00 -4.56
N SER C 25 20.01 3.47 -4.59
CA SER C 25 19.67 2.40 -5.52
C SER C 25 19.33 2.93 -6.90
N TYR C 26 19.06 4.24 -7.01
CA TYR C 26 18.67 4.79 -8.32
C TYR C 26 19.85 5.15 -9.18
N ILE C 27 20.22 4.16 -9.98
CA ILE C 27 21.31 4.09 -10.93
C ILE C 27 22.17 2.96 -10.38
C1 ZAL D 1 -2.93 -15.56 -5.37
C2 ZAL D 1 -4.06 -16.63 -5.54
C3 ZAL D 1 -5.18 -16.13 -6.52
C4 ZAL D 1 -4.64 -15.40 -7.80
C5 ZAL D 1 -3.11 -15.58 -8.04
C6 ZAL D 1 -2.25 -15.27 -6.76
N ZAL D 1 -1.33 -16.50 -1.93
CA ZAL D 1 -2.36 -15.99 -2.87
CB ZAL D 1 -1.86 -16.04 -4.34
C ZAL D 1 -2.68 -14.57 -2.43
O ZAL D 1 -1.67 -13.84 -2.23
N PRO D 2 -3.97 -14.07 -2.23
CA PRO D 2 -4.14 -12.69 -1.77
C PRO D 2 -3.51 -12.55 -0.37
N MMO D 3 -2.82 -11.43 0.06
CA MMO D 3 -2.25 -11.42 1.44
C MMO D 3 -2.80 -10.21 2.21
O MMO D 3 -2.06 -9.28 2.54
CB MMO D 3 -0.68 -11.47 1.42
CG MMO D 3 -0.17 -12.72 0.65
CD MMO D 3 1.37 -12.81 0.66
NE MMO D 3 2.01 -11.63 0.04
CZ MMO D 3 3.31 -11.44 0.04
NH2 MMO D 3 4.16 -12.28 0.60
NH1 MMO D 3 3.82 -10.34 -0.55
CN MMO D 3 -2.67 -10.26 -0.85
#